data_7XFP
#
_entry.id   7XFP
#
_cell.length_a   41.857
_cell.length_b   67.381
_cell.length_c   143.175
_cell.angle_alpha   90.000
_cell.angle_beta   90.000
_cell.angle_gamma   90.000
#
_symmetry.space_group_name_H-M   'P 21 21 21'
#
loop_
_entity.id
_entity.type
_entity.pdbx_description
1 polymer 'IceA2 protein'
2 non-polymer 'SULFATE ION'
3 non-polymer GLYCEROL
4 water water
#
_entity_poly.entity_id   1
_entity_poly.type   'polypeptide(L)'
_entity_poly.pdbx_seq_one_letter_code
;GSAKDPMAIVVKVVNGKIQEFENGIHKRTYGSNIVAADTDGHIVAAVTAKGKVEEFENGIHKRTYGSNAINVQVSGGVVA
VTTSKGKVEEYKNGIHKRTY
;
_entity_poly.pdbx_strand_id   A,B,C,D
#
loop_
_chem_comp.id
_chem_comp.type
_chem_comp.name
_chem_comp.formula
GOL non-polymer GLYCEROL 'C3 H8 O3'
SO4 non-polymer 'SULFATE ION' 'O4 S -2'
#
# COMPACT_ATOMS: atom_id res chain seq x y z
N MET A 7 10.50 7.35 -25.06
CA MET A 7 11.52 6.89 -24.13
C MET A 7 10.95 5.83 -23.19
N ALA A 8 11.69 4.75 -22.96
CA ALA A 8 11.30 3.69 -22.03
C ALA A 8 12.08 3.88 -20.73
N ILE A 9 11.43 4.49 -19.75
CA ILE A 9 11.98 4.85 -18.46
C ILE A 9 11.24 4.06 -17.38
N VAL A 10 11.95 3.68 -16.32
CA VAL A 10 11.35 3.05 -15.15
C VAL A 10 11.51 4.00 -13.96
N VAL A 11 10.43 4.22 -13.22
CA VAL A 11 10.43 5.10 -12.05
C VAL A 11 10.30 4.24 -10.80
N LYS A 12 11.22 4.44 -9.87
CA LYS A 12 11.27 3.72 -8.60
C LYS A 12 11.14 4.74 -7.47
N VAL A 13 10.21 4.52 -6.55
CA VAL A 13 10.05 5.40 -5.41
C VAL A 13 10.84 4.83 -4.24
N VAL A 14 11.77 5.63 -3.69
CA VAL A 14 12.68 5.19 -2.65
C VAL A 14 12.70 6.25 -1.57
N ASN A 15 12.18 5.92 -0.38
CA ASN A 15 12.09 6.85 0.74
C ASN A 15 11.52 8.21 0.30
N GLY A 16 10.47 8.15 -0.50
CA GLY A 16 9.76 9.34 -0.92
C GLY A 16 10.33 10.06 -2.11
N LYS A 17 11.47 9.63 -2.65
CA LYS A 17 12.04 10.26 -3.83
C LYS A 17 11.82 9.39 -5.06
N ILE A 18 11.73 10.04 -6.22
CA ILE A 18 11.58 9.36 -7.50
C ILE A 18 12.96 9.13 -8.08
N GLN A 19 13.31 7.88 -8.37
CA GLN A 19 14.54 7.52 -9.07
C GLN A 19 14.18 7.05 -10.47
N GLU A 20 14.77 7.70 -11.49
CA GLU A 20 14.56 7.34 -12.88
C GLU A 20 15.65 6.40 -13.36
N PHE A 21 15.26 5.29 -13.99
CA PHE A 21 16.21 4.36 -14.59
C PHE A 21 15.92 4.16 -16.08
N GLU A 22 16.99 3.97 -16.84
CA GLU A 22 16.88 3.65 -18.27
C GLU A 22 17.88 2.55 -18.56
N ASN A 23 17.41 1.42 -19.07
CA ASN A 23 18.28 0.28 -19.36
C ASN A 23 19.05 -0.15 -18.11
N GLY A 24 18.39 -0.06 -16.96
CA GLY A 24 19.00 -0.44 -15.70
C GLY A 24 19.98 0.56 -15.13
N ILE A 25 20.18 1.72 -15.77
CA ILE A 25 21.15 2.72 -15.35
C ILE A 25 20.42 3.89 -14.70
N HIS A 26 20.88 4.29 -13.53
CA HIS A 26 20.28 5.44 -12.86
C HIS A 26 20.50 6.69 -13.70
N LYS A 27 19.45 7.48 -13.84
CA LYS A 27 19.50 8.72 -14.60
C LYS A 27 19.45 9.95 -13.72
N ARG A 28 18.47 10.03 -12.81
CA ARG A 28 18.26 11.21 -11.98
C ARG A 28 17.34 10.83 -10.82
N THR A 29 17.31 11.71 -9.81
CA THR A 29 16.46 11.54 -8.63
C THR A 29 15.85 12.89 -8.29
N TYR A 30 14.55 12.92 -8.01
CA TYR A 30 13.87 14.17 -7.72
C TYR A 30 12.57 13.90 -6.97
N GLY A 31 11.96 14.95 -6.46
CA GLY A 31 10.73 14.83 -5.72
C GLY A 31 10.98 14.46 -4.26
N SER A 32 9.97 14.70 -3.44
CA SER A 32 10.07 14.36 -2.03
C SER A 32 8.70 13.95 -1.55
N ASN A 33 8.68 13.08 -0.53
CA ASN A 33 7.43 12.60 0.09
C ASN A 33 6.49 11.93 -0.91
N ILE A 34 7.05 11.26 -1.92
CA ILE A 34 6.27 10.57 -2.93
C ILE A 34 5.94 9.17 -2.42
N VAL A 35 4.72 8.70 -2.71
CA VAL A 35 4.31 7.35 -2.32
C VAL A 35 3.99 6.48 -3.53
N ALA A 36 3.84 7.05 -4.71
CA ALA A 36 3.53 6.27 -5.90
C ALA A 36 3.86 7.13 -7.11
N ALA A 37 4.21 6.49 -8.22
CA ALA A 37 4.54 7.25 -9.41
C ALA A 37 4.30 6.39 -10.65
N ASP A 38 4.06 7.08 -11.77
CA ASP A 38 3.93 6.42 -13.06
C ASP A 38 4.40 7.40 -14.13
N THR A 39 4.76 6.85 -15.29
CA THR A 39 5.27 7.67 -16.37
C THR A 39 4.84 7.06 -17.69
N ASP A 40 4.80 7.92 -18.71
CA ASP A 40 4.64 7.51 -20.10
C ASP A 40 5.90 7.81 -20.92
N GLY A 41 7.01 8.12 -20.26
CA GLY A 41 8.23 8.51 -20.92
C GLY A 41 8.36 10.00 -21.19
N HIS A 42 7.25 10.72 -21.16
CA HIS A 42 7.21 12.17 -21.34
C HIS A 42 7.04 12.89 -20.01
N ILE A 43 6.02 12.53 -19.24
CA ILE A 43 5.84 13.09 -17.92
C ILE A 43 5.91 11.98 -16.88
N VAL A 44 6.21 12.39 -15.65
CA VAL A 44 6.12 11.52 -14.48
C VAL A 44 5.05 12.13 -13.59
N ALA A 45 4.03 11.33 -13.28
CA ALA A 45 3.00 11.74 -12.34
C ALA A 45 3.28 11.03 -11.02
N ALA A 46 3.24 11.78 -9.91
CA ALA A 46 3.60 11.23 -8.62
C ALA A 46 2.56 11.60 -7.57
N VAL A 47 2.21 10.65 -6.71
CA VAL A 47 1.27 10.89 -5.62
C VAL A 47 2.07 11.20 -4.37
N THR A 48 1.70 12.28 -3.68
CA THR A 48 2.38 12.65 -2.45
C THR A 48 1.68 12.00 -1.25
N ALA A 49 2.40 11.98 -0.12
CA ALA A 49 1.81 11.45 1.10
C ALA A 49 0.61 12.29 1.55
N LYS A 50 0.52 13.55 1.11
CA LYS A 50 -0.58 14.44 1.41
C LYS A 50 -1.74 14.30 0.44
N GLY A 51 -1.68 13.34 -0.48
CA GLY A 51 -2.79 13.04 -1.36
C GLY A 51 -2.89 13.88 -2.60
N LYS A 52 -1.85 14.63 -2.95
CA LYS A 52 -1.83 15.41 -4.19
C LYS A 52 -1.09 14.63 -5.28
N VAL A 53 -1.33 15.05 -6.51
CA VAL A 53 -0.57 14.54 -7.65
C VAL A 53 0.36 15.64 -8.10
N GLU A 54 1.65 15.31 -8.19
CA GLU A 54 2.65 16.22 -8.70
C GLU A 54 3.12 15.71 -10.05
N GLU A 55 3.15 16.60 -11.05
CA GLU A 55 3.69 16.25 -12.36
C GLU A 55 5.09 16.79 -12.51
N PHE A 56 5.99 15.96 -13.01
CA PHE A 56 7.36 16.37 -13.30
C PHE A 56 7.59 16.15 -14.79
N GLU A 57 8.44 16.99 -15.36
CA GLU A 57 8.84 16.85 -16.75
C GLU A 57 10.35 17.04 -16.76
N ASN A 58 11.07 16.00 -17.19
CA ASN A 58 12.53 16.01 -17.20
C ASN A 58 13.09 16.35 -15.82
N GLY A 59 12.46 15.79 -14.79
CA GLY A 59 12.91 15.96 -13.42
C GLY A 59 12.59 17.28 -12.78
N ILE A 60 11.77 18.11 -13.43
CA ILE A 60 11.41 19.44 -12.94
C ILE A 60 9.93 19.48 -12.63
N HIS A 61 9.57 19.97 -11.44
CA HIS A 61 8.18 20.05 -11.06
C HIS A 61 7.41 20.96 -12.01
N LYS A 62 6.29 20.46 -12.54
CA LYS A 62 5.46 21.20 -13.47
C LYS A 62 4.20 21.75 -12.81
N ARG A 63 3.47 20.91 -12.07
CA ARG A 63 2.20 21.33 -11.52
C ARG A 63 1.77 20.33 -10.46
N THR A 64 0.76 20.72 -9.68
CA THR A 64 0.23 19.89 -8.61
C THR A 64 -1.28 20.02 -8.61
N TYR A 65 -1.97 18.88 -8.45
CA TYR A 65 -3.43 18.91 -8.48
C TYR A 65 -3.97 17.67 -7.77
N GLY A 66 -5.29 17.60 -7.65
CA GLY A 66 -5.97 16.46 -7.07
C GLY A 66 -5.99 16.52 -5.56
N SER A 67 -6.68 15.55 -4.98
CA SER A 67 -6.75 15.41 -3.54
C SER A 67 -7.18 13.99 -3.25
N ASN A 68 -6.84 13.52 -2.05
CA ASN A 68 -7.18 12.15 -1.60
C ASN A 68 -6.58 11.08 -2.52
N ALA A 69 -5.52 11.42 -3.23
CA ALA A 69 -4.91 10.49 -4.17
C ALA A 69 -4.11 9.44 -3.42
N ILE A 70 -4.18 8.20 -3.90
CA ILE A 70 -3.35 7.13 -3.35
C ILE A 70 -2.58 6.38 -4.42
N ASN A 71 -2.94 6.49 -5.69
CA ASN A 71 -2.21 5.85 -6.76
C ASN A 71 -2.49 6.63 -8.04
N VAL A 72 -1.67 6.39 -9.06
CA VAL A 72 -1.73 7.17 -10.28
C VAL A 72 -1.29 6.31 -11.45
N GLN A 73 -1.86 6.58 -12.62
CA GLN A 73 -1.51 5.91 -13.86
C GLN A 73 -1.60 6.91 -15.00
N VAL A 74 -0.54 6.99 -15.81
CA VAL A 74 -0.51 7.86 -16.99
C VAL A 74 -0.88 7.02 -18.21
N SER A 75 -2.00 7.35 -18.86
CA SER A 75 -2.46 6.58 -20.02
C SER A 75 -2.96 7.52 -21.11
N GLY A 76 -2.40 7.40 -22.30
CA GLY A 76 -2.80 8.19 -23.45
C GLY A 76 -3.04 9.66 -23.19
N GLY A 77 -2.09 10.34 -22.56
CA GLY A 77 -2.21 11.76 -22.33
C GLY A 77 -3.16 12.18 -21.22
N VAL A 78 -3.71 11.22 -20.46
CA VAL A 78 -4.48 11.56 -19.27
C VAL A 78 -3.75 10.99 -18.07
N VAL A 79 -4.12 11.49 -16.90
CA VAL A 79 -3.58 11.00 -15.65
C VAL A 79 -4.75 10.47 -14.84
N ALA A 80 -4.79 9.17 -14.61
CA ALA A 80 -5.89 8.53 -13.88
C ALA A 80 -5.47 8.38 -12.42
N VAL A 81 -6.21 9.05 -11.54
CA VAL A 81 -5.86 9.14 -10.12
C VAL A 81 -6.86 8.28 -9.32
N THR A 82 -6.32 7.31 -8.59
CA THR A 82 -7.14 6.52 -7.68
C THR A 82 -7.18 7.21 -6.34
N THR A 83 -8.38 7.33 -5.76
CA THR A 83 -8.54 8.06 -4.51
C THR A 83 -8.77 7.12 -3.34
N SER A 84 -8.62 7.70 -2.14
CA SER A 84 -8.93 6.99 -0.91
C SER A 84 -10.42 6.73 -0.77
N LYS A 85 -11.25 7.33 -1.62
CA LYS A 85 -12.68 7.08 -1.63
C LYS A 85 -13.05 5.97 -2.61
N GLY A 86 -12.06 5.37 -3.28
CA GLY A 86 -12.30 4.24 -4.15
C GLY A 86 -12.69 4.60 -5.57
N LYS A 87 -12.56 5.86 -5.97
CA LYS A 87 -12.89 6.28 -7.32
C LYS A 87 -11.64 6.49 -8.15
N VAL A 88 -11.82 6.53 -9.46
CA VAL A 88 -10.77 6.96 -10.38
C VAL A 88 -11.16 8.35 -10.87
N GLU A 89 -10.31 9.34 -10.61
CA GLU A 89 -10.49 10.70 -11.10
C GLU A 89 -9.52 10.92 -12.25
N GLU A 90 -10.07 11.18 -13.42
CA GLU A 90 -9.29 11.38 -14.63
C GLU A 90 -8.98 12.86 -14.79
N TYR A 91 -7.72 13.17 -14.98
CA TYR A 91 -7.21 14.52 -15.17
C TYR A 91 -6.54 14.61 -16.54
N LYS A 92 -6.73 15.75 -17.20
CA LYS A 92 -6.01 16.05 -18.43
C LYS A 92 -5.38 17.41 -18.28
N ASN A 93 -4.05 17.47 -18.39
CA ASN A 93 -3.30 18.72 -18.23
C ASN A 93 -3.58 19.37 -16.87
N GLY A 94 -3.74 18.51 -15.86
CA GLY A 94 -3.99 19.00 -14.51
C GLY A 94 -5.43 19.42 -14.23
N ILE A 95 -6.34 19.25 -15.19
CA ILE A 95 -7.74 19.63 -15.04
C ILE A 95 -8.58 18.38 -14.82
N HIS A 96 -9.40 18.37 -13.77
CA HIS A 96 -10.30 17.24 -13.55
C HIS A 96 -11.31 17.17 -14.68
N LYS A 97 -11.41 16.01 -15.32
CA LYS A 97 -12.31 15.87 -16.46
C LYS A 97 -13.50 14.99 -16.14
N ARG A 98 -13.28 13.86 -15.48
CA ARG A 98 -14.37 12.94 -15.19
C ARG A 98 -13.99 12.06 -14.01
N THR A 99 -15.00 11.45 -13.43
CA THR A 99 -14.81 10.51 -12.33
C THR A 99 -15.52 9.23 -12.67
N TYR A 100 -14.86 8.11 -12.40
CA TYR A 100 -15.51 6.81 -12.60
C TYR A 100 -14.92 5.69 -11.72
N ALA B 8 -5.25 3.61 -24.81
CA ALA B 8 -5.67 4.54 -23.77
C ALA B 8 -6.55 3.79 -22.78
N ILE B 9 -5.95 2.82 -22.09
CA ILE B 9 -6.67 1.92 -21.20
C ILE B 9 -6.25 2.28 -19.78
N VAL B 10 -7.23 2.26 -18.87
CA VAL B 10 -6.98 2.46 -17.45
C VAL B 10 -7.38 1.18 -16.74
N VAL B 11 -6.51 0.66 -15.88
CA VAL B 11 -6.80 -0.55 -15.10
C VAL B 11 -6.93 -0.18 -13.63
N LYS B 12 -8.05 -0.59 -13.01
CA LYS B 12 -8.33 -0.32 -11.61
C LYS B 12 -8.49 -1.66 -10.90
N VAL B 13 -7.84 -1.83 -9.76
CA VAL B 13 -7.97 -3.06 -8.99
C VAL B 13 -9.08 -2.86 -7.94
N VAL B 14 -10.09 -3.73 -7.97
CA VAL B 14 -11.26 -3.63 -7.11
C VAL B 14 -11.52 -5.00 -6.50
N ASN B 15 -11.33 -5.11 -5.17
CA ASN B 15 -11.49 -6.36 -4.41
C ASN B 15 -10.80 -7.54 -5.10
N GLY B 16 -9.58 -7.30 -5.55
CA GLY B 16 -8.77 -8.33 -6.16
C GLY B 16 -9.00 -8.57 -7.63
N LYS B 17 -9.98 -7.90 -8.24
CA LYS B 17 -10.23 -8.07 -9.66
C LYS B 17 -9.71 -6.85 -10.41
N ILE B 18 -9.33 -7.06 -11.68
CA ILE B 18 -8.91 -5.97 -12.54
C ILE B 18 -10.12 -5.48 -13.33
N GLN B 19 -10.40 -4.18 -13.26
CA GLN B 19 -11.43 -3.56 -14.09
C GLN B 19 -10.71 -2.71 -15.14
N GLU B 20 -10.99 -2.98 -16.41
CA GLU B 20 -10.43 -2.22 -17.52
C GLU B 20 -11.43 -1.16 -17.95
N PHE B 21 -10.94 0.08 -18.11
CA PHE B 21 -11.73 1.20 -18.61
C PHE B 21 -11.12 1.74 -19.88
N GLU B 22 -11.98 2.17 -20.80
CA GLU B 22 -11.55 2.76 -22.05
C GLU B 22 -12.42 4.00 -22.23
N ASN B 23 -11.79 5.17 -22.19
CA ASN B 23 -12.51 6.45 -22.27
C ASN B 23 -13.57 6.57 -21.18
N GLY B 24 -13.22 6.13 -19.97
CA GLY B 24 -14.11 6.20 -18.82
C GLY B 24 -15.20 5.15 -18.80
N ILE B 25 -15.23 4.25 -19.76
CA ILE B 25 -16.28 3.25 -19.87
C ILE B 25 -15.70 1.91 -19.42
N HIS B 26 -16.41 1.24 -18.52
CA HIS B 26 -15.98 -0.06 -18.03
C HIS B 26 -16.16 -1.13 -19.10
N LYS B 27 -15.06 -1.74 -19.53
CA LYS B 27 -15.05 -2.68 -20.66
C LYS B 27 -14.86 -4.13 -20.25
N ARG B 28 -13.96 -4.43 -19.31
CA ARG B 28 -13.72 -5.81 -18.93
C ARG B 28 -13.49 -5.88 -17.43
N THR B 29 -13.66 -7.08 -16.88
CA THR B 29 -13.28 -7.38 -15.50
C THR B 29 -12.70 -8.78 -15.48
N TYR B 30 -11.49 -8.93 -14.93
CA TYR B 30 -10.81 -10.23 -14.91
C TYR B 30 -9.76 -10.27 -13.82
N GLY B 31 -9.22 -11.47 -13.60
CA GLY B 31 -8.22 -11.65 -12.57
C GLY B 31 -8.84 -11.81 -11.19
N SER B 32 -8.05 -12.39 -10.28
CA SER B 32 -8.49 -12.56 -8.91
C SER B 32 -7.28 -12.45 -7.99
N ASN B 33 -7.53 -11.96 -6.77
CA ASN B 33 -6.49 -11.77 -5.75
C ASN B 33 -5.37 -10.87 -6.25
N ILE B 34 -5.71 -9.90 -7.06
CA ILE B 34 -4.76 -8.93 -7.58
C ILE B 34 -4.61 -7.80 -6.57
N VAL B 35 -3.39 -7.29 -6.41
CA VAL B 35 -3.14 -6.15 -5.53
C VAL B 35 -2.61 -4.94 -6.26
N ALA B 36 -2.15 -5.10 -7.51
CA ALA B 36 -1.66 -3.96 -8.27
C ALA B 36 -1.63 -4.37 -9.74
N ALA B 37 -1.74 -3.38 -10.63
CA ALA B 37 -1.75 -3.69 -12.05
C ALA B 37 -1.25 -2.50 -12.85
N ASP B 38 -0.74 -2.78 -14.06
CA ASP B 38 -0.34 -1.73 -14.99
C ASP B 38 -0.49 -2.24 -16.41
N THR B 39 -0.59 -1.32 -17.36
CA THR B 39 -0.81 -1.69 -18.76
C THR B 39 -0.11 -0.70 -19.68
N ASP B 40 0.20 -1.18 -20.89
CA ASP B 40 0.68 -0.33 -21.98
C ASP B 40 -0.30 -0.31 -23.14
N GLY B 41 -1.51 -0.82 -22.92
CA GLY B 41 -2.48 -0.95 -23.98
C GLY B 41 -2.39 -2.27 -24.71
N HIS B 42 -1.27 -2.97 -24.61
CA HIS B 42 -1.08 -4.27 -25.23
C HIS B 42 -1.23 -5.39 -24.20
N ILE B 43 -0.46 -5.33 -23.12
CA ILE B 43 -0.58 -6.31 -22.06
C ILE B 43 -1.02 -5.60 -20.78
N VAL B 44 -1.59 -6.37 -19.87
CA VAL B 44 -1.85 -5.95 -18.51
C VAL B 44 -1.04 -6.87 -17.60
N ALA B 45 -0.17 -6.28 -16.79
CA ALA B 45 0.60 -7.03 -15.80
C ALA B 45 -0.02 -6.82 -14.43
N ALA B 46 -0.21 -7.90 -13.69
CA ALA B 46 -0.92 -7.82 -12.42
C ALA B 46 -0.15 -8.55 -11.33
N VAL B 47 -0.07 -7.93 -10.16
CA VAL B 47 0.61 -8.51 -9.02
C VAL B 47 -0.42 -9.19 -8.14
N THR B 48 -0.17 -10.45 -7.78
CA THR B 48 -1.11 -11.15 -6.90
C THR B 48 -0.72 -10.95 -5.43
N ALA B 49 -1.70 -11.24 -4.55
CA ALA B 49 -1.42 -11.19 -3.11
C ALA B 49 -0.35 -12.19 -2.72
N LYS B 50 -0.12 -13.22 -3.55
CA LYS B 50 0.93 -14.20 -3.28
C LYS B 50 2.26 -13.81 -3.89
N GLY B 51 2.37 -12.64 -4.50
CA GLY B 51 3.64 -12.11 -4.94
C GLY B 51 4.10 -12.53 -6.31
N LYS B 52 3.22 -13.13 -7.12
CA LYS B 52 3.50 -13.48 -8.49
C LYS B 52 2.97 -12.37 -9.40
N VAL B 53 3.46 -12.35 -10.63
CA VAL B 53 3.00 -11.44 -11.67
C VAL B 53 2.24 -12.24 -12.72
N GLU B 54 0.99 -11.86 -12.97
CA GLU B 54 0.17 -12.49 -13.99
C GLU B 54 0.06 -11.52 -15.15
N GLU B 55 0.34 -12.01 -16.35
CA GLU B 55 0.23 -11.21 -17.55
C GLU B 55 -1.04 -11.58 -18.30
N PHE B 56 -1.81 -10.57 -18.68
CA PHE B 56 -3.06 -10.75 -19.41
C PHE B 56 -2.99 -10.05 -20.75
N GLU B 57 -3.76 -10.57 -21.70
CA GLU B 57 -3.94 -9.95 -23.00
C GLU B 57 -5.42 -10.05 -23.35
N ASN B 58 -6.08 -8.90 -23.51
CA ASN B 58 -7.52 -8.84 -23.79
C ASN B 58 -8.30 -9.63 -22.75
N GLY B 59 -7.90 -9.52 -21.50
CA GLY B 59 -8.58 -10.20 -20.43
C GLY B 59 -8.28 -11.68 -20.32
N ILE B 60 -7.32 -12.19 -21.07
CA ILE B 60 -7.00 -13.61 -21.06
C ILE B 60 -5.64 -13.78 -20.41
N HIS B 61 -5.59 -14.60 -19.36
CA HIS B 61 -4.35 -14.86 -18.63
C HIS B 61 -3.40 -15.64 -19.51
N LYS B 62 -2.24 -15.05 -19.80
CA LYS B 62 -1.27 -15.66 -20.72
C LYS B 62 -0.06 -16.27 -20.04
N ARG B 63 0.45 -15.67 -18.96
CA ARG B 63 1.59 -16.29 -18.29
C ARG B 63 1.71 -15.74 -16.87
N THR B 64 2.61 -16.36 -16.11
CA THR B 64 2.87 -16.04 -14.72
C THR B 64 4.36 -16.17 -14.49
N TYR B 65 4.94 -15.21 -13.76
CA TYR B 65 6.37 -15.23 -13.46
C TYR B 65 6.62 -14.34 -12.25
N GLY B 66 7.87 -14.33 -11.78
CA GLY B 66 8.29 -13.46 -10.69
C GLY B 66 7.95 -14.01 -9.31
N SER B 67 8.46 -13.32 -8.29
CA SER B 67 8.22 -13.71 -6.91
C SER B 67 8.46 -12.50 -6.02
N ASN B 68 7.82 -12.52 -4.84
CA ASN B 68 7.90 -11.44 -3.87
C ASN B 68 7.47 -10.10 -4.45
N ALA B 69 6.63 -10.14 -5.48
CA ALA B 69 6.22 -8.92 -6.16
C ALA B 69 5.25 -8.12 -5.30
N ILE B 70 5.40 -6.79 -5.32
CA ILE B 70 4.44 -5.90 -4.67
C ILE B 70 3.91 -4.81 -5.60
N ASN B 71 4.55 -4.50 -6.71
CA ASN B 71 4.03 -3.51 -7.65
C ASN B 71 4.65 -3.83 -8.99
N VAL B 72 4.09 -3.21 -10.04
CA VAL B 72 4.51 -3.54 -11.40
C VAL B 72 4.31 -2.33 -12.32
N GLN B 73 5.16 -2.22 -13.32
CA GLN B 73 4.98 -1.18 -14.32
C GLN B 73 5.49 -1.71 -15.65
N VAL B 74 4.69 -1.51 -16.69
CA VAL B 74 5.04 -1.94 -18.04
C VAL B 74 5.70 -0.78 -18.76
N SER B 75 6.94 -0.97 -19.17
CA SER B 75 7.74 0.08 -19.80
C SER B 75 8.42 -0.50 -21.03
N GLY B 76 8.14 0.08 -22.20
CA GLY B 76 8.71 -0.33 -23.47
C GLY B 76 8.80 -1.83 -23.72
N GLY B 77 7.72 -2.55 -23.51
CA GLY B 77 7.76 -3.98 -23.78
C GLY B 77 8.46 -4.81 -22.72
N VAL B 78 8.91 -4.21 -21.62
CA VAL B 78 9.38 -5.00 -20.48
C VAL B 78 8.44 -4.73 -19.32
N VAL B 79 8.51 -5.61 -18.33
CA VAL B 79 7.67 -5.53 -17.15
C VAL B 79 8.61 -5.35 -15.96
N ALA B 80 8.54 -4.19 -15.30
CA ALA B 80 9.39 -3.87 -14.17
C ALA B 80 8.64 -4.20 -12.89
N VAL B 81 9.15 -5.16 -12.13
CA VAL B 81 8.47 -5.68 -10.97
C VAL B 81 9.18 -5.16 -9.73
N THR B 82 8.46 -4.46 -8.86
CA THR B 82 9.03 -4.05 -7.59
C THR B 82 8.76 -5.15 -6.58
N THR B 83 9.77 -5.53 -5.81
CA THR B 83 9.63 -6.63 -4.86
C THR B 83 9.62 -6.13 -3.43
N SER B 84 9.18 -7.02 -2.54
CA SER B 84 9.20 -6.72 -1.12
C SER B 84 10.62 -6.59 -0.59
N LYS B 85 11.61 -6.96 -1.39
CA LYS B 85 13.01 -6.81 -1.02
C LYS B 85 13.55 -5.45 -1.44
N GLY B 86 12.72 -4.61 -2.08
CA GLY B 86 13.14 -3.28 -2.42
C GLY B 86 13.89 -3.16 -3.72
N LYS B 87 13.89 -4.21 -4.53
CA LYS B 87 14.55 -4.21 -5.83
C LYS B 87 13.52 -4.09 -6.95
N VAL B 88 14.00 -3.69 -8.12
CA VAL B 88 13.24 -3.74 -9.36
C VAL B 88 13.80 -4.92 -10.14
N GLU B 89 12.93 -5.86 -10.46
CA GLU B 89 13.29 -7.02 -11.28
C GLU B 89 12.61 -6.83 -12.63
N GLU B 90 13.40 -6.74 -13.68
CA GLU B 90 12.89 -6.48 -15.02
C GLU B 90 12.73 -7.78 -15.81
N TYR B 91 11.57 -7.95 -16.45
CA TYR B 91 11.25 -9.12 -17.28
C TYR B 91 10.93 -8.71 -18.71
N LYS B 92 11.37 -9.53 -19.66
CA LYS B 92 10.97 -9.38 -21.06
C LYS B 92 10.36 -10.69 -21.52
N ASN B 93 9.09 -10.64 -21.91
CA ASN B 93 8.35 -11.83 -22.31
C ASN B 93 8.43 -12.90 -21.20
N GLY B 94 8.39 -12.44 -19.95
CA GLY B 94 8.42 -13.34 -18.81
C GLY B 94 9.77 -13.88 -18.44
N ILE B 95 10.84 -13.45 -19.09
CA ILE B 95 12.19 -13.90 -18.80
C ILE B 95 12.92 -12.80 -18.03
N HIS B 96 13.50 -13.17 -16.88
CA HIS B 96 14.22 -12.21 -16.05
C HIS B 96 15.47 -11.69 -16.76
N LYS B 97 15.59 -10.36 -16.84
CA LYS B 97 16.65 -9.63 -17.55
C LYS B 97 17.54 -8.78 -16.66
N ARG B 98 17.00 -8.07 -15.67
CA ARG B 98 17.82 -7.16 -14.89
C ARG B 98 17.31 -7.08 -13.47
N THR B 99 18.20 -6.62 -12.59
CA THR B 99 17.89 -6.32 -11.20
C THR B 99 18.52 -4.97 -10.90
N TYR B 100 17.76 -4.06 -10.30
CA TYR B 100 18.34 -2.78 -9.90
C TYR B 100 17.49 -2.08 -8.84
N ALA C 8 2.25 -10.75 23.94
CA ALA C 8 2.93 -9.86 23.00
C ALA C 8 3.36 -10.61 21.74
N ILE C 9 2.54 -10.47 20.70
CA ILE C 9 2.68 -11.14 19.42
C ILE C 9 2.93 -10.09 18.34
N VAL C 10 3.76 -10.43 17.35
CA VAL C 10 3.91 -9.62 16.15
C VAL C 10 3.46 -10.46 14.96
N VAL C 11 2.61 -9.90 14.10
CA VAL C 11 2.14 -10.58 12.91
C VAL C 11 2.79 -9.91 11.70
N LYS C 12 3.45 -10.72 10.88
CA LYS C 12 4.13 -10.25 9.69
C LYS C 12 3.48 -10.92 8.49
N VAL C 13 3.01 -10.13 7.53
CA VAL C 13 2.36 -10.68 6.35
C VAL C 13 3.42 -10.85 5.26
N VAL C 14 3.54 -12.07 4.74
CA VAL C 14 4.58 -12.42 3.76
C VAL C 14 3.91 -13.20 2.63
N ASN C 15 3.88 -12.61 1.43
CA ASN C 15 3.25 -13.22 0.26
C ASN C 15 1.87 -13.78 0.58
N GLY C 16 1.09 -13.00 1.32
CA GLY C 16 -0.28 -13.34 1.63
C GLY C 16 -0.50 -14.25 2.81
N LYS C 17 0.56 -14.74 3.46
CA LYS C 17 0.40 -15.58 4.64
C LYS C 17 0.77 -14.76 5.88
N ILE C 18 0.16 -15.11 7.02
CA ILE C 18 0.46 -14.47 8.28
C ILE C 18 1.51 -15.31 8.99
N GLN C 19 2.62 -14.67 9.34
CA GLN C 19 3.66 -15.28 10.16
C GLN C 19 3.58 -14.65 11.55
N GLU C 20 3.37 -15.48 12.57
CA GLU C 20 3.32 -15.02 13.96
C GLU C 20 4.67 -15.17 14.61
N PHE C 21 5.14 -14.11 15.26
CA PHE C 21 6.37 -14.14 16.02
C PHE C 21 6.10 -13.82 17.48
N GLU C 22 6.80 -14.53 18.36
CA GLU C 22 6.75 -14.27 19.80
C GLU C 22 8.17 -14.31 20.32
N ASN C 23 8.64 -13.18 20.85
CA ASN C 23 10.02 -13.09 21.35
C ASN C 23 11.02 -13.42 20.24
N GLY C 24 10.72 -12.97 19.03
CA GLY C 24 11.60 -13.19 17.89
C GLY C 24 11.53 -14.58 17.32
N ILE C 25 10.69 -15.45 17.86
CA ILE C 25 10.61 -16.84 17.43
C ILE C 25 9.38 -17.00 16.55
N HIS C 26 9.57 -17.55 15.36
CA HIS C 26 8.48 -17.80 14.42
C HIS C 26 7.60 -18.91 14.98
N LYS C 27 6.42 -18.55 15.49
CA LYS C 27 5.58 -19.55 16.16
C LYS C 27 4.72 -20.36 15.20
N ARG C 28 4.18 -19.72 14.15
CA ARG C 28 3.26 -20.40 13.24
C ARG C 28 3.04 -19.53 12.03
N THR C 29 2.47 -20.14 11.00
CA THR C 29 2.11 -19.48 9.76
C THR C 29 0.74 -19.95 9.34
N TYR C 30 -0.14 -19.02 8.99
CA TYR C 30 -1.51 -19.33 8.63
C TYR C 30 -2.07 -18.22 7.77
N GLY C 31 -3.25 -18.49 7.20
CA GLY C 31 -3.93 -17.55 6.36
C GLY C 31 -3.42 -17.58 4.93
N SER C 32 -4.25 -17.08 4.02
CA SER C 32 -3.92 -17.05 2.61
C SER C 32 -4.48 -15.76 2.02
N ASN C 33 -3.75 -15.22 1.04
CA ASN C 33 -4.15 -14.01 0.31
C ASN C 33 -4.39 -12.84 1.25
N ILE C 34 -3.62 -12.75 2.33
CA ILE C 34 -3.75 -11.67 3.29
C ILE C 34 -2.95 -10.48 2.79
N VAL C 35 -3.47 -9.26 3.00
CA VAL C 35 -2.77 -8.04 2.61
C VAL C 35 -2.45 -7.14 3.80
N ALA C 36 -3.05 -7.36 4.96
CA ALA C 36 -2.77 -6.55 6.14
C ALA C 36 -3.29 -7.31 7.34
N ALA C 37 -2.66 -7.09 8.50
CA ALA C 37 -3.08 -7.81 9.69
C ALA C 37 -2.76 -6.99 10.92
N ASP C 38 -3.49 -7.29 12.00
CA ASP C 38 -3.23 -6.66 13.29
C ASP C 38 -3.66 -7.62 14.39
N THR C 39 -3.12 -7.39 15.59
CA THR C 39 -3.45 -8.26 16.71
C THR C 39 -3.44 -7.46 18.01
N ASP C 40 -4.18 -7.98 19.00
CA ASP C 40 -4.13 -7.47 20.36
C ASP C 40 -3.56 -8.50 21.32
N GLY C 41 -2.98 -9.57 20.80
CA GLY C 41 -2.52 -10.67 21.62
C GLY C 41 -3.58 -11.73 21.85
N HIS C 42 -4.85 -11.39 21.63
CA HIS C 42 -5.96 -12.33 21.78
C HIS C 42 -6.40 -12.85 20.43
N ILE C 43 -6.75 -11.95 19.52
CA ILE C 43 -7.16 -12.32 18.17
C ILE C 43 -6.20 -11.67 17.17
N VAL C 44 -6.19 -12.23 15.96
CA VAL C 44 -5.51 -11.65 14.81
C VAL C 44 -6.58 -11.38 13.75
N ALA C 45 -6.72 -10.13 13.34
CA ALA C 45 -7.63 -9.79 12.25
C ALA C 45 -6.81 -9.56 10.99
N ALA C 46 -7.26 -10.15 9.88
CA ALA C 46 -6.51 -10.11 8.63
C ALA C 46 -7.43 -9.68 7.50
N VAL C 47 -6.93 -8.82 6.62
CA VAL C 47 -7.68 -8.34 5.47
C VAL C 47 -7.27 -9.13 4.24
N THR C 48 -8.24 -9.64 3.49
CA THR C 48 -7.89 -10.38 2.29
C THR C 48 -7.84 -9.47 1.06
N ALA C 49 -7.20 -9.97 0.00
CA ALA C 49 -7.16 -9.26 -1.27
C ALA C 49 -8.55 -9.04 -1.86
N LYS C 50 -9.53 -9.86 -1.47
CA LYS C 50 -10.92 -9.71 -1.91
C LYS C 50 -11.72 -8.77 -1.01
N GLY C 51 -11.09 -8.18 -0.01
CA GLY C 51 -11.71 -7.17 0.83
C GLY C 51 -12.47 -7.68 2.04
N LYS C 52 -12.29 -8.94 2.42
CA LYS C 52 -12.91 -9.48 3.62
C LYS C 52 -11.95 -9.41 4.80
N VAL C 53 -12.52 -9.48 6.00
CA VAL C 53 -11.74 -9.52 7.23
C VAL C 53 -11.89 -10.92 7.82
N GLU C 54 -10.76 -11.58 8.03
CA GLU C 54 -10.73 -12.90 8.64
C GLU C 54 -10.17 -12.76 10.05
N GLU C 55 -10.88 -13.33 11.02
CA GLU C 55 -10.42 -13.31 12.40
C GLU C 55 -9.86 -14.67 12.79
N PHE C 56 -8.66 -14.66 13.37
CA PHE C 56 -7.98 -15.88 13.82
C PHE C 56 -7.73 -15.82 15.32
N GLU C 57 -7.74 -16.98 15.93
CA GLU C 57 -7.40 -17.10 17.35
C GLU C 57 -6.53 -18.34 17.51
N ASN C 58 -5.30 -18.14 18.01
CA ASN C 58 -4.32 -19.21 18.18
C ASN C 58 -4.09 -19.96 16.86
N GLY C 59 -4.04 -19.20 15.78
CA GLY C 59 -3.77 -19.74 14.45
C GLY C 59 -4.94 -20.44 13.77
N ILE C 60 -6.14 -20.34 14.32
CA ILE C 60 -7.31 -21.02 13.78
C ILE C 60 -8.29 -19.96 13.29
N HIS C 61 -8.76 -20.13 12.05
CA HIS C 61 -9.73 -19.20 11.47
C HIS C 61 -11.08 -19.32 12.18
N LYS C 62 -11.56 -18.23 12.77
CA LYS C 62 -12.79 -18.26 13.57
C LYS C 62 -13.96 -17.51 12.96
N ARG C 63 -13.73 -16.42 12.24
CA ARG C 63 -14.79 -15.58 11.70
C ARG C 63 -14.32 -14.93 10.41
N THR C 64 -15.29 -14.61 9.53
CA THR C 64 -15.06 -13.77 8.36
C THR C 64 -16.20 -12.76 8.28
N TYR C 65 -15.87 -11.50 8.03
CA TYR C 65 -16.90 -10.47 7.93
C TYR C 65 -16.35 -9.28 7.16
N GLY C 66 -17.24 -8.32 6.88
CA GLY C 66 -16.86 -7.07 6.24
C GLY C 66 -16.76 -7.19 4.73
N SER C 67 -16.53 -6.05 4.10
CA SER C 67 -16.36 -5.97 2.65
C SER C 67 -15.62 -4.68 2.33
N ASN C 68 -14.94 -4.69 1.18
CA ASN C 68 -14.16 -3.54 0.69
C ASN C 68 -13.07 -3.15 1.69
N ALA C 69 -12.62 -4.08 2.52
CA ALA C 69 -11.64 -3.76 3.54
C ALA C 69 -10.25 -3.59 2.93
N ILE C 70 -9.50 -2.60 3.45
CA ILE C 70 -8.12 -2.47 3.04
C ILE C 70 -7.14 -2.46 4.21
N ASN C 71 -7.57 -2.19 5.44
CA ASN C 71 -6.67 -2.24 6.57
C ASN C 71 -7.51 -2.50 7.81
N VAL C 72 -6.84 -2.86 8.90
CA VAL C 72 -7.56 -3.32 10.09
C VAL C 72 -6.73 -2.99 11.33
N GLN C 73 -7.43 -2.72 12.43
CA GLN C 73 -6.76 -2.45 13.71
C GLN C 73 -7.64 -3.02 14.81
N VAL C 74 -7.05 -3.76 15.74
CA VAL C 74 -7.79 -4.32 16.86
C VAL C 74 -7.63 -3.38 18.04
N SER C 75 -8.75 -2.83 18.53
CA SER C 75 -8.71 -1.84 19.60
C SER C 75 -9.74 -2.19 20.65
N GLY C 76 -9.27 -2.44 21.87
CA GLY C 76 -10.12 -2.75 23.00
C GLY C 76 -11.25 -3.72 22.69
N GLY C 77 -10.91 -4.87 22.11
CA GLY C 77 -11.92 -5.86 21.84
C GLY C 77 -12.83 -5.56 20.67
N VAL C 78 -12.61 -4.46 19.93
CA VAL C 78 -13.32 -4.26 18.69
C VAL C 78 -12.30 -4.30 17.57
N VAL C 79 -12.81 -4.49 16.36
CA VAL C 79 -12.00 -4.54 15.16
C VAL C 79 -12.41 -3.36 14.29
N ALA C 80 -11.50 -2.40 14.09
CA ALA C 80 -11.75 -1.22 13.28
C ALA C 80 -11.21 -1.49 11.89
N VAL C 81 -12.11 -1.54 10.91
CA VAL C 81 -11.80 -1.92 9.54
C VAL C 81 -11.82 -0.66 8.68
N THR C 82 -10.71 -0.37 8.00
CA THR C 82 -10.72 0.70 7.01
C THR C 82 -11.12 0.15 5.66
N THR C 83 -12.01 0.86 4.97
CA THR C 83 -12.53 0.40 3.68
C THR C 83 -11.90 1.18 2.53
N SER C 84 -12.07 0.66 1.33
CA SER C 84 -11.58 1.36 0.15
C SER C 84 -12.37 2.63 -0.13
N LYS C 85 -13.49 2.84 0.55
CA LYS C 85 -14.25 4.07 0.41
C LYS C 85 -13.82 5.12 1.43
N GLY C 86 -12.84 4.81 2.26
CA GLY C 86 -12.26 5.78 3.18
C GLY C 86 -12.96 5.88 4.50
N LYS C 87 -13.82 4.92 4.85
CA LYS C 87 -14.52 4.90 6.11
C LYS C 87 -13.87 3.89 7.04
N VAL C 88 -14.12 4.05 8.34
CA VAL C 88 -13.74 3.08 9.36
C VAL C 88 -15.01 2.39 9.82
N GLU C 89 -15.05 1.06 9.70
CA GLU C 89 -16.16 0.24 10.18
C GLU C 89 -15.75 -0.54 11.42
N GLU C 90 -16.48 -0.33 12.51
CA GLU C 90 -16.19 -1.01 13.77
C GLU C 90 -17.02 -2.28 13.89
N TYR C 91 -16.36 -3.38 14.24
CA TYR C 91 -17.02 -4.66 14.47
C TYR C 91 -16.76 -5.14 15.88
N LYS C 92 -17.77 -5.75 16.49
CA LYS C 92 -17.58 -6.42 17.79
C LYS C 92 -18.05 -7.84 17.64
N ASN C 93 -17.14 -8.80 17.85
CA ASN C 93 -17.43 -10.22 17.71
C ASN C 93 -18.03 -10.54 16.34
N GLY C 94 -17.50 -9.91 15.30
CA GLY C 94 -17.93 -10.15 13.94
C GLY C 94 -19.20 -9.44 13.52
N ILE C 95 -19.78 -8.59 14.38
CA ILE C 95 -21.01 -7.85 14.09
C ILE C 95 -20.69 -6.38 13.88
N HIS C 96 -21.18 -5.81 12.78
CA HIS C 96 -20.96 -4.40 12.50
C HIS C 96 -21.63 -3.51 13.54
N LYS C 97 -20.88 -2.57 14.10
CA LYS C 97 -21.40 -1.73 15.17
C LYS C 97 -21.60 -0.27 14.77
N ARG C 98 -20.63 0.35 14.11
CA ARG C 98 -20.76 1.74 13.71
C ARG C 98 -19.79 2.02 12.56
N THR C 99 -19.98 3.18 11.93
CA THR C 99 -19.13 3.67 10.87
C THR C 99 -18.75 5.12 11.13
N TYR C 100 -17.50 5.48 10.88
CA TYR C 100 -17.11 6.88 10.99
C TYR C 100 -15.86 7.18 10.16
N ALA D 8 -9.99 3.34 24.57
CA ALA D 8 -9.44 2.75 23.35
C ALA D 8 -9.48 3.76 22.21
N ILE D 9 -8.35 3.90 21.53
CA ILE D 9 -8.15 4.89 20.48
C ILE D 9 -8.07 4.16 19.14
N VAL D 10 -8.62 4.78 18.12
CA VAL D 10 -8.48 4.31 16.74
C VAL D 10 -7.72 5.38 15.96
N VAL D 11 -6.69 4.97 15.23
CA VAL D 11 -5.90 5.90 14.41
C VAL D 11 -6.15 5.64 12.94
N LYS D 12 -6.50 6.68 12.22
CA LYS D 12 -6.77 6.64 10.80
C LYS D 12 -5.75 7.56 10.14
N VAL D 13 -5.03 7.08 9.14
CA VAL D 13 -4.12 7.92 8.38
C VAL D 13 -4.88 8.46 7.18
N VAL D 14 -4.97 9.78 7.07
CA VAL D 14 -5.76 10.46 6.04
C VAL D 14 -4.93 11.62 5.48
N ASN D 15 -4.59 11.55 4.18
CA ASN D 15 -3.77 12.58 3.52
C ASN D 15 -2.52 12.93 4.31
N GLY D 16 -1.85 11.90 4.83
CA GLY D 16 -0.60 12.08 5.52
C GLY D 16 -0.70 12.48 6.97
N LYS D 17 -1.91 12.70 7.48
CA LYS D 17 -2.11 13.08 8.87
C LYS D 17 -2.75 11.93 9.64
N ILE D 18 -2.51 11.92 10.94
CA ILE D 18 -3.12 10.94 11.83
C ILE D 18 -4.43 11.54 12.30
N GLN D 19 -5.54 10.84 12.09
CA GLN D 19 -6.82 11.22 12.67
C GLN D 19 -7.13 10.26 13.81
N GLU D 20 -7.23 10.81 15.00
CA GLU D 20 -7.46 10.04 16.21
C GLU D 20 -8.95 10.05 16.53
N PHE D 21 -9.52 8.86 16.72
CA PHE D 21 -10.91 8.70 17.11
C PHE D 21 -10.99 7.95 18.44
N GLU D 22 -11.95 8.36 19.25
CA GLU D 22 -12.22 7.72 20.53
C GLU D 22 -13.72 7.54 20.63
N ASN D 23 -14.16 6.27 20.69
CA ASN D 23 -15.58 5.94 20.74
C ASN D 23 -16.32 6.53 19.55
N GLY D 24 -15.69 6.51 18.38
CA GLY D 24 -16.30 6.97 17.15
C GLY D 24 -16.34 8.47 16.97
N ILE D 25 -15.78 9.25 17.89
CA ILE D 25 -15.79 10.70 17.81
C ILE D 25 -14.38 11.18 17.45
N HIS D 26 -14.29 12.01 16.43
CA HIS D 26 -12.99 12.54 16.03
C HIS D 26 -12.47 13.50 17.10
N LYS D 27 -11.27 13.21 17.60
CA LYS D 27 -10.69 14.02 18.66
C LYS D 27 -9.66 15.01 18.14
N ARG D 28 -8.74 14.57 17.28
CA ARG D 28 -7.68 15.46 16.82
C ARG D 28 -7.12 14.92 15.50
N THR D 29 -6.40 15.79 14.80
CA THR D 29 -5.69 15.43 13.56
C THR D 29 -4.32 16.08 13.62
N TYR D 30 -3.26 15.30 13.43
CA TYR D 30 -1.91 15.81 13.64
C TYR D 30 -0.89 14.98 12.87
N GLY D 31 0.35 15.44 12.85
CA GLY D 31 1.40 14.76 12.13
C GLY D 31 1.39 15.11 10.65
N SER D 32 2.51 14.83 9.99
CA SER D 32 2.62 15.15 8.57
C SER D 32 3.39 14.08 7.82
N ASN D 33 3.01 13.92 6.56
CA ASN D 33 3.64 12.99 5.62
C ASN D 33 3.69 11.56 6.16
N ILE D 34 2.64 11.15 6.91
CA ILE D 34 2.54 9.81 7.50
C ILE D 34 1.92 8.86 6.47
N VAL D 35 2.42 7.62 6.43
CA VAL D 35 1.87 6.60 5.53
C VAL D 35 1.30 5.40 6.27
N ALA D 36 1.61 5.22 7.54
CA ALA D 36 1.11 4.09 8.31
C ALA D 36 1.23 4.46 9.77
N ALA D 37 0.36 3.88 10.60
CA ALA D 37 0.38 4.24 12.01
C ALA D 37 -0.24 3.11 12.80
N ASP D 38 0.14 3.04 14.08
CA ASP D 38 -0.46 2.08 15.00
C ASP D 38 -0.36 2.66 16.39
N THR D 39 -1.21 2.17 17.30
CA THR D 39 -1.24 2.74 18.63
C THR D 39 -1.54 1.65 19.64
N ASP D 40 -1.10 1.87 20.87
CA ASP D 40 -1.45 1.04 22.02
C ASP D 40 -2.22 1.84 23.05
N GLY D 41 -2.69 3.04 22.70
CA GLY D 41 -3.35 3.92 23.64
C GLY D 41 -2.42 4.84 24.39
N HIS D 42 -1.12 4.53 24.43
CA HIS D 42 -0.10 5.32 25.08
C HIS D 42 0.68 6.14 24.07
N ILE D 43 1.23 5.48 23.07
CA ILE D 43 1.91 6.16 22.00
C ILE D 43 1.17 5.84 20.70
N VAL D 44 1.36 6.72 19.74
CA VAL D 44 1.02 6.44 18.35
C VAL D 44 2.34 6.42 17.63
N ALA D 45 2.66 5.28 17.00
CA ALA D 45 3.86 5.15 16.19
C ALA D 45 3.46 5.27 14.73
N ALA D 46 4.21 6.08 13.98
CA ALA D 46 3.86 6.44 12.61
C ALA D 46 5.08 6.27 11.71
N VAL D 47 4.86 5.84 10.48
CA VAL D 47 5.90 5.74 9.46
C VAL D 47 5.75 6.91 8.51
N THR D 48 6.85 7.60 8.20
CA THR D 48 6.77 8.72 7.27
C THR D 48 7.07 8.24 5.84
N ALA D 49 6.72 9.09 4.87
CA ALA D 49 7.03 8.83 3.47
C ALA D 49 8.53 8.75 3.21
N LYS D 50 9.34 9.33 4.10
CA LYS D 50 10.80 9.26 4.02
C LYS D 50 11.36 8.03 4.76
N GLY D 51 10.51 7.17 5.31
CA GLY D 51 10.96 5.92 5.89
C GLY D 51 11.37 5.99 7.34
N LYS D 52 11.06 7.06 8.04
CA LYS D 52 11.39 7.16 9.46
C LYS D 52 10.20 6.71 10.30
N VAL D 53 10.48 6.40 11.56
CA VAL D 53 9.46 6.06 12.53
C VAL D 53 9.34 7.22 13.50
N GLU D 54 8.12 7.78 13.62
CA GLU D 54 7.83 8.87 14.54
C GLU D 54 6.94 8.36 15.65
N GLU D 55 7.27 8.69 16.89
CA GLU D 55 6.38 8.36 18.01
C GLU D 55 5.71 9.64 18.49
N PHE D 56 4.39 9.59 18.67
CA PHE D 56 3.58 10.70 19.16
C PHE D 56 2.94 10.33 20.48
N GLU D 57 2.76 11.35 21.32
CA GLU D 57 2.05 11.22 22.58
C GLU D 57 1.16 12.43 22.71
N ASN D 58 -0.14 12.20 22.89
CA ASN D 58 -1.12 13.27 23.08
C ASN D 58 -1.06 14.30 21.95
N GLY D 59 -0.92 13.81 20.73
CA GLY D 59 -0.94 14.69 19.57
C GLY D 59 0.33 15.45 19.30
N ILE D 60 1.44 15.13 19.97
CA ILE D 60 2.71 15.81 19.78
C ILE D 60 3.79 14.81 19.41
N HIS D 61 4.49 15.10 18.32
CA HIS D 61 5.63 14.30 17.89
C HIS D 61 6.73 14.34 18.94
N LYS D 62 7.12 13.17 19.45
CA LYS D 62 8.08 13.11 20.55
C LYS D 62 9.44 12.59 20.15
N ARG D 63 9.49 11.59 19.28
CA ARG D 63 10.74 10.90 18.97
C ARG D 63 10.74 10.45 17.51
N THR D 64 11.94 10.26 16.97
CA THR D 64 12.09 9.71 15.63
C THR D 64 13.32 8.83 15.59
N TYR D 65 13.18 7.66 14.97
CA TYR D 65 14.28 6.72 14.82
C TYR D 65 13.94 5.81 13.63
N GLY D 66 14.88 4.94 13.28
CA GLY D 66 14.65 3.96 12.24
C GLY D 66 14.88 4.50 10.83
N SER D 67 14.84 3.59 9.86
CA SER D 67 15.05 3.98 8.47
C SER D 67 14.50 2.90 7.55
N ASN D 68 14.15 3.31 6.33
CA ASN D 68 13.58 2.44 5.30
C ASN D 68 12.28 1.80 5.76
N ALA D 69 11.58 2.43 6.70
CA ALA D 69 10.34 1.88 7.22
C ALA D 69 9.20 2.04 6.24
N ILE D 70 8.34 1.03 6.14
CA ILE D 70 7.12 1.13 5.36
C ILE D 70 5.87 0.81 6.16
N ASN D 71 5.97 0.14 7.31
CA ASN D 71 4.80 -0.13 8.13
C ASN D 71 5.29 -0.30 9.57
N VAL D 72 4.36 -0.24 10.51
CA VAL D 72 4.72 -0.24 11.92
C VAL D 72 3.59 -0.86 12.73
N GLN D 73 3.93 -1.56 13.82
CA GLN D 73 2.94 -2.06 14.75
C GLN D 73 3.51 -2.06 16.15
N VAL D 74 2.73 -1.57 17.10
CA VAL D 74 3.13 -1.48 18.50
C VAL D 74 2.69 -2.76 19.21
N SER D 75 3.65 -3.49 19.78
CA SER D 75 3.37 -4.77 20.41
C SER D 75 4.06 -4.81 21.76
N GLY D 76 3.27 -4.91 22.83
CA GLY D 76 3.78 -5.03 24.19
C GLY D 76 4.99 -4.17 24.52
N GLY D 77 4.92 -2.87 24.27
CA GLY D 77 6.05 -2.02 24.60
C GLY D 77 7.23 -2.10 23.63
N VAL D 78 7.12 -2.86 22.54
CA VAL D 78 8.10 -2.75 21.46
C VAL D 78 7.35 -2.22 20.24
N VAL D 79 8.13 -1.72 19.29
CA VAL D 79 7.62 -1.16 18.05
C VAL D 79 8.22 -2.01 16.93
N ALA D 80 7.37 -2.75 16.23
CA ALA D 80 7.81 -3.64 15.17
C ALA D 80 7.69 -2.92 13.84
N VAL D 81 8.82 -2.69 13.19
CA VAL D 81 8.91 -1.87 11.98
C VAL D 81 9.18 -2.77 10.78
N THR D 82 8.31 -2.70 9.80
CA THR D 82 8.53 -3.40 8.54
C THR D 82 9.27 -2.47 7.60
N THR D 83 10.30 -2.98 6.94
CA THR D 83 11.13 -2.18 6.05
C THR D 83 10.83 -2.49 4.59
N SER D 84 11.34 -1.62 3.72
CA SER D 84 11.23 -1.81 2.29
C SER D 84 12.05 -3.01 1.82
N LYS D 85 12.89 -3.57 2.69
CA LYS D 85 13.62 -4.78 2.37
C LYS D 85 12.92 -6.05 2.85
N GLY D 86 11.75 -5.92 3.46
CA GLY D 86 10.96 -7.08 3.82
C GLY D 86 11.27 -7.67 5.18
N LYS D 87 12.03 -6.98 6.00
CA LYS D 87 12.35 -7.45 7.35
C LYS D 87 11.44 -6.76 8.35
N VAL D 88 11.33 -7.36 9.54
CA VAL D 88 10.71 -6.68 10.66
C VAL D 88 11.84 -6.33 11.62
N GLU D 89 12.01 -5.03 11.88
CA GLU D 89 12.99 -4.56 12.84
C GLU D 89 12.26 -4.16 14.11
N GLU D 90 12.58 -4.84 15.20
CA GLU D 90 11.91 -4.62 16.47
C GLU D 90 12.69 -3.63 17.30
N TYR D 91 12.04 -2.58 17.76
CA TYR D 91 12.67 -1.53 18.56
C TYR D 91 12.05 -1.49 19.95
N LYS D 92 12.87 -1.23 20.96
CA LYS D 92 12.40 -0.99 22.31
C LYS D 92 12.96 0.36 22.72
N ASN D 93 12.07 1.33 22.97
CA ASN D 93 12.46 2.70 23.30
C ASN D 93 13.43 3.28 22.26
N GLY D 94 13.17 2.97 21.00
CA GLY D 94 14.01 3.49 19.95
C GLY D 94 15.33 2.78 19.74
N ILE D 95 15.57 1.67 20.45
CA ILE D 95 16.80 0.91 20.32
C ILE D 95 16.48 -0.37 19.56
N HIS D 96 17.19 -0.61 18.48
CA HIS D 96 16.95 -1.80 17.68
C HIS D 96 17.36 -3.05 18.48
N LYS D 97 16.42 -3.99 18.60
CA LYS D 97 16.61 -5.18 19.43
C LYS D 97 16.76 -6.46 18.62
N ARG D 98 15.94 -6.66 17.60
CA ARG D 98 16.07 -7.89 16.83
C ARG D 98 15.52 -7.65 15.44
N THR D 99 15.88 -8.56 14.54
CA THR D 99 15.42 -8.52 13.17
C THR D 99 14.90 -9.90 12.80
N TYR D 100 13.75 -9.94 12.14
CA TYR D 100 13.21 -11.21 11.66
C TYR D 100 12.27 -11.03 10.48
S SO4 E . 0.27 20.66 -20.83
O1 SO4 E . 1.71 20.75 -20.89
O2 SO4 E . -0.31 21.90 -20.32
O3 SO4 E . -0.23 20.43 -22.18
O4 SO4 E . -0.14 19.56 -19.94
S SO4 F . 17.49 12.54 -20.76
O1 SO4 F . 18.30 13.49 -19.98
O2 SO4 F . 17.41 13.00 -22.13
O3 SO4 F . 18.12 11.22 -20.70
O4 SO4 F . 16.15 12.45 -20.18
S SO4 G . -12.28 17.29 -23.13
O1 SO4 G . -11.02 17.48 -23.84
O2 SO4 G . -12.37 18.20 -22.00
O3 SO4 G . -12.34 15.91 -22.65
O4 SO4 G . -13.40 17.56 -24.04
C1 GOL H . 7.75 -10.43 18.86
O1 GOL H . 9.06 -10.60 19.34
C2 GOL H . 6.84 -10.03 20.06
O2 GOL H . 6.88 -10.92 21.12
C3 GOL H . 7.30 -8.60 20.46
O3 GOL H . 6.28 -8.03 21.25
S SO4 I . -0.17 19.08 6.70
O1 SO4 I . 0.96 19.95 6.35
O2 SO4 I . -0.93 19.68 7.81
O3 SO4 I . -1.07 18.91 5.56
O4 SO4 I . 0.34 17.78 7.12
#